data_6EK7
#
_entry.id   6EK7
#
_cell.length_a   203.760
_cell.length_b   24.050
_cell.length_c   109.420
_cell.angle_alpha   90.00
_cell.angle_beta   113.92
_cell.angle_gamma   90.00
#
_symmetry.space_group_name_H-M   'C 1 2 1'
#
loop_
_entity.id
_entity.type
_entity.pdbx_description
1 polymer YaxA
2 non-polymer (4S)-2-METHYL-2,4-PENTANEDIOL
3 water water
#
_entity_poly.entity_id   1
_entity_poly.type   'polypeptide(L)'
_entity_poly.pdbx_seq_one_letter_code
;TQTQLAIDNVLASAESTIQLNELPKVVLDFITGEQTSVARSGGIFTKEDLINLKLYVRKGLSLPTRQDEVEAYLGYKKID
VAGLEPKDIKLLFDEIHNHALNWNDVEQAVLQQSLDLDIAAKNIISTGNEIINLINQMPITLRVKTLLGDITDKQLENIT
YESADHEVASALKDILDDMKGDINRHQTTTENVRKKVSDYRITLTGGELSSGDKVNGLEPQVKTKYDLMEKSNMRKSIKE
LDEKIKEKRQRIEQLKKDYDKFVGLSFTGAIGGIIAMAITGGIFGAKAENARKEKNALISEVAELESKVSSQRALQTALE
ALSLSFSDIGIRMVDAESALNHLDFMWLSVLNQITESQIQFAMINNALRLTSFVNKFQQVITPWQSVGDSARQLVDIFDE
AIKEYKKVYG
;
_entity_poly.pdbx_strand_id   A
#
loop_
_chem_comp.id
_chem_comp.type
_chem_comp.name
_chem_comp.formula
MPD non-polymer (4S)-2-METHYL-2,4-PENTANEDIOL 'C6 H14 O2'
#
# COMPACT_ATOMS: atom_id res chain seq x y z
N ILE A 44 0.25 -13.03 -12.91
CA ILE A 44 1.59 -12.70 -12.46
C ILE A 44 1.72 -11.18 -12.23
N PHE A 45 2.82 -10.80 -11.58
CA PHE A 45 3.25 -9.42 -11.43
C PHE A 45 3.49 -8.80 -12.80
N THR A 46 2.75 -7.74 -13.16
CA THR A 46 2.80 -7.14 -14.50
C THR A 46 3.52 -5.79 -14.47
N LYS A 47 3.72 -5.21 -15.66
CA LYS A 47 4.46 -3.96 -15.73
C LYS A 47 3.68 -2.83 -15.07
N GLU A 48 2.34 -2.87 -15.14
CA GLU A 48 1.52 -1.89 -14.43
C GLU A 48 1.68 -2.02 -12.93
N ASP A 49 1.84 -3.26 -12.43
CA ASP A 49 2.12 -3.49 -11.02
C ASP A 49 3.38 -2.77 -10.58
N LEU A 50 4.47 -2.93 -11.35
CA LEU A 50 5.73 -2.27 -10.99
C LEU A 50 5.61 -0.75 -11.11
N ILE A 51 4.95 -0.26 -12.17
CA ILE A 51 4.71 1.18 -12.29
C ILE A 51 3.87 1.70 -11.13
N ASN A 52 2.89 0.92 -10.68
CA ASN A 52 2.09 1.41 -9.54
C ASN A 52 2.92 1.47 -8.27
N LEU A 53 3.89 0.57 -8.09
CA LEU A 53 4.77 0.68 -6.92
C LEU A 53 5.61 1.94 -6.99
N LYS A 54 6.16 2.24 -8.17
CA LYS A 54 6.97 3.45 -8.33
C LYS A 54 6.12 4.68 -8.11
N LEU A 55 4.87 4.64 -8.58
CA LEU A 55 3.97 5.78 -8.36
C LEU A 55 3.64 5.97 -6.88
N TYR A 56 3.45 4.86 -6.14
CA TYR A 56 3.21 4.96 -4.70
C TYR A 56 4.44 5.49 -3.98
N VAL A 57 5.63 5.01 -4.34
CA VAL A 57 6.85 5.49 -3.68
C VAL A 57 7.06 6.98 -3.94
N ARG A 58 6.84 7.41 -5.19
CA ARG A 58 7.01 8.82 -5.54
C ARG A 58 6.01 9.70 -4.79
N LYS A 59 4.78 9.23 -4.62
CA LYS A 59 3.80 9.97 -3.81
C LYS A 59 4.23 10.03 -2.34
N GLY A 60 4.63 8.87 -1.78
CA GLY A 60 5.07 8.83 -0.39
C GLY A 60 6.26 9.74 -0.10
N LEU A 61 7.27 9.73 -1.00
CA LEU A 61 8.42 10.62 -0.81
C LEU A 61 8.09 12.09 -0.97
N SER A 62 7.02 12.42 -1.68
CA SER A 62 6.66 13.81 -1.88
C SER A 62 5.79 14.35 -0.76
N LEU A 63 5.40 13.51 0.21
CA LEU A 63 4.57 14.01 1.31
C LEU A 63 5.42 14.92 2.21
N PRO A 64 4.86 16.02 2.70
CA PRO A 64 5.59 16.85 3.66
C PRO A 64 5.78 16.08 4.96
N THR A 65 6.93 16.32 5.60
CA THR A 65 7.22 15.70 6.87
C THR A 65 7.59 16.70 7.96
N ARG A 66 8.00 17.91 7.61
CA ARG A 66 8.21 18.94 8.61
C ARG A 66 6.87 19.44 9.15
N GLN A 67 6.80 19.64 10.47
CA GLN A 67 5.53 19.98 11.11
C GLN A 67 4.90 21.22 10.48
N ASP A 68 5.68 22.29 10.28
CA ASP A 68 5.06 23.47 9.70
C ASP A 68 4.64 23.25 8.25
N GLU A 69 5.32 22.37 7.52
CA GLU A 69 4.91 22.08 6.14
C GLU A 69 3.67 21.22 6.10
N VAL A 70 3.54 20.28 7.04
CA VAL A 70 2.31 19.50 7.18
C VAL A 70 1.14 20.43 7.49
N GLU A 71 1.37 21.42 8.37
CA GLU A 71 0.31 22.38 8.67
C GLU A 71 -0.05 23.21 7.44
N ALA A 72 0.94 23.65 6.66
CA ALA A 72 0.62 24.40 5.45
C ALA A 72 -0.12 23.52 4.46
N TYR A 73 0.27 22.25 4.37
CA TYR A 73 -0.40 21.29 3.50
C TYR A 73 -1.84 21.04 3.94
N LEU A 74 -2.08 20.97 5.26
CA LEU A 74 -3.42 20.75 5.81
C LEU A 74 -4.28 22.00 5.71
N GLY A 75 -3.65 23.16 5.76
CA GLY A 75 -4.38 24.40 5.86
C GLY A 75 -4.85 24.73 7.26
N TYR A 76 -4.35 24.06 8.30
CA TYR A 76 -4.77 24.41 9.66
C TYR A 76 -3.70 24.00 10.67
N LYS A 77 -3.73 24.67 11.83
CA LYS A 77 -2.90 24.32 12.97
C LYS A 77 -3.66 23.47 13.98
N LYS A 78 -4.98 23.56 13.97
CA LYS A 78 -5.81 22.80 14.87
C LYS A 78 -7.17 22.61 14.21
N ILE A 79 -7.70 21.40 14.31
CA ILE A 79 -9.00 21.08 13.75
C ILE A 79 -9.97 20.56 14.79
N ASP A 80 -9.49 20.19 15.97
CA ASP A 80 -10.32 19.70 17.07
C ASP A 80 -11.12 18.47 16.66
N VAL A 81 -10.50 17.59 15.88
CA VAL A 81 -11.00 16.25 15.65
C VAL A 81 -9.87 15.30 16.02
N ALA A 82 -10.14 14.37 16.94
CA ALA A 82 -9.11 13.42 17.32
C ALA A 82 -8.61 12.61 16.12
N GLY A 83 -7.29 12.48 16.02
CA GLY A 83 -6.65 11.73 14.96
C GLY A 83 -6.40 12.52 13.68
N LEU A 84 -6.89 13.77 13.59
CA LEU A 84 -6.69 14.59 12.39
C LEU A 84 -5.87 15.85 12.67
N GLU A 85 -5.29 15.96 13.86
CA GLU A 85 -4.50 17.15 14.15
C GLU A 85 -3.20 17.05 13.36
N PRO A 86 -2.55 18.18 13.07
CA PRO A 86 -1.34 18.10 12.21
C PRO A 86 -0.27 17.18 12.76
N LYS A 87 -0.10 17.13 14.08
CA LYS A 87 0.88 16.21 14.64
C LYS A 87 0.50 14.76 14.31
N ASP A 88 -0.81 14.43 14.30
CA ASP A 88 -1.26 13.09 13.94
C ASP A 88 -0.98 12.75 12.48
N ILE A 89 -1.30 13.69 11.58
CA ILE A 89 -1.06 13.50 10.16
C ILE A 89 0.42 13.38 9.87
N LYS A 90 1.24 14.20 10.53
CA LYS A 90 2.68 14.14 10.31
C LYS A 90 3.25 12.79 10.71
N LEU A 91 2.80 12.24 11.83
CA LEU A 91 3.28 10.94 12.27
C LEU A 91 2.99 9.88 11.21
N LEU A 92 1.79 9.91 10.62
CA LEU A 92 1.47 8.98 9.55
C LEU A 92 2.27 9.27 8.29
N PHE A 93 2.44 10.55 7.94
CA PHE A 93 3.24 10.85 6.75
C PHE A 93 4.68 10.41 6.94
N ASP A 94 5.20 10.54 8.17
CA ASP A 94 6.56 10.07 8.42
C ASP A 94 6.66 8.58 8.19
N GLU A 95 5.66 7.83 8.63
CA GLU A 95 5.71 6.39 8.41
C GLU A 95 5.61 6.05 6.92
N ILE A 96 4.77 6.76 6.18
CA ILE A 96 4.67 6.48 4.75
C ILE A 96 5.97 6.83 4.06
N HIS A 97 6.53 7.97 4.42
CA HIS A 97 7.81 8.40 3.83
C HIS A 97 8.91 7.38 4.07
N ASN A 98 9.04 6.90 5.31
CA ASN A 98 10.05 5.88 5.62
CA ASN A 98 10.07 5.91 5.60
C ASN A 98 9.84 4.62 4.81
N HIS A 99 8.58 4.20 4.63
CA HIS A 99 8.28 3.00 3.85
C HIS A 99 8.64 3.19 2.38
N ALA A 100 8.29 4.33 1.81
CA ALA A 100 8.70 4.67 0.44
C ALA A 100 10.22 4.68 0.29
N LEU A 101 10.93 5.21 1.31
CA LEU A 101 12.39 5.27 1.25
C LEU A 101 12.98 3.87 1.15
N ASN A 102 12.28 2.88 1.71
CA ASN A 102 12.77 1.51 1.74
C ASN A 102 12.46 0.72 0.48
N TRP A 103 11.74 1.25 -0.50
CA TRP A 103 11.42 0.40 -1.65
C TRP A 103 12.65 0.01 -2.46
N ASN A 104 13.58 0.95 -2.68
CA ASN A 104 14.61 0.65 -3.67
C ASN A 104 15.49 -0.51 -3.21
N ASP A 105 15.67 -0.70 -1.89
CA ASP A 105 16.36 -1.89 -1.39
C ASP A 105 15.64 -3.17 -1.79
N VAL A 106 14.32 -3.21 -1.66
CA VAL A 106 13.53 -4.36 -2.08
C VAL A 106 13.57 -4.50 -3.59
N GLU A 107 13.37 -3.39 -4.31
CA GLU A 107 13.36 -3.42 -5.77
C GLU A 107 14.65 -3.98 -6.31
N GLN A 108 15.78 -3.51 -5.77
CA GLN A 108 17.06 -3.98 -6.27
C GLN A 108 17.29 -5.44 -5.91
N ALA A 109 16.84 -5.87 -4.72
CA ALA A 109 16.98 -7.28 -4.35
C ALA A 109 16.19 -8.18 -5.28
N VAL A 110 14.97 -7.75 -5.62
CA VAL A 110 14.09 -8.53 -6.49
C VAL A 110 14.70 -8.65 -7.88
N LEU A 111 15.10 -7.52 -8.46
CA LEU A 111 15.64 -7.56 -9.81
C LEU A 111 16.96 -8.31 -9.87
N GLN A 112 17.86 -8.08 -8.89
CA GLN A 112 19.13 -8.79 -8.99
C GLN A 112 18.96 -10.27 -8.73
N GLN A 113 18.02 -10.64 -7.86
CA GLN A 113 17.78 -12.06 -7.64
C GLN A 113 17.20 -12.73 -8.87
N SER A 114 16.36 -12.02 -9.61
CA SER A 114 15.84 -12.56 -10.87
C SER A 114 16.95 -12.71 -11.91
N LEU A 115 17.80 -11.69 -12.04
CA LEU A 115 18.97 -11.87 -12.91
C LEU A 115 19.81 -13.06 -12.46
N ASP A 116 20.06 -13.20 -11.15
CA ASP A 116 20.91 -14.30 -10.67
C ASP A 116 20.25 -15.65 -10.92
N LEU A 117 18.95 -15.76 -10.62
CA LEU A 117 18.26 -17.04 -10.78
C LEU A 117 18.11 -17.44 -12.24
N ASP A 118 18.03 -16.47 -13.14
CA ASP A 118 18.02 -16.74 -14.57
C ASP A 118 19.23 -17.56 -14.98
N ILE A 119 20.42 -17.03 -14.71
CA ILE A 119 21.63 -17.73 -15.14
C ILE A 119 21.91 -18.95 -14.26
N ALA A 120 21.46 -18.94 -13.00
CA ALA A 120 21.59 -20.13 -12.16
C ALA A 120 20.76 -21.29 -12.70
N ALA A 121 19.51 -21.01 -13.07
CA ALA A 121 18.67 -22.05 -13.67
C ALA A 121 19.29 -22.57 -14.96
N LYS A 122 19.77 -21.65 -15.79
CA LYS A 122 20.40 -22.07 -17.04
C LYS A 122 21.58 -22.99 -16.77
N ASN A 123 22.40 -22.66 -15.77
CA ASN A 123 23.60 -23.46 -15.53
C ASN A 123 23.23 -24.82 -14.94
N ILE A 124 22.27 -24.85 -14.02
CA ILE A 124 21.85 -26.12 -13.42
C ILE A 124 21.25 -27.05 -14.46
N ILE A 125 20.39 -26.52 -15.33
CA ILE A 125 19.76 -27.37 -16.35
C ILE A 125 20.81 -27.87 -17.35
N SER A 126 21.71 -27.00 -17.81
CA SER A 126 22.65 -27.47 -18.83
C SER A 126 23.69 -28.43 -18.25
N THR A 127 24.17 -28.15 -17.03
CA THR A 127 25.13 -29.05 -16.38
C THR A 127 24.47 -30.37 -16.02
N GLY A 128 23.25 -30.33 -15.50
CA GLY A 128 22.52 -31.56 -15.25
C GLY A 128 22.35 -32.39 -16.50
N ASN A 129 22.00 -31.74 -17.62
CA ASN A 129 21.83 -32.46 -18.87
C ASN A 129 23.16 -33.06 -19.34
N GLU A 130 24.27 -32.32 -19.21
CA GLU A 130 25.58 -32.88 -19.53
C GLU A 130 25.91 -34.08 -18.65
N ILE A 131 25.58 -34.01 -17.36
CA ILE A 131 25.87 -35.14 -16.49
C ILE A 131 25.03 -36.35 -16.89
N ILE A 132 23.75 -36.13 -17.19
CA ILE A 132 22.89 -37.23 -17.61
C ILE A 132 23.43 -37.87 -18.88
N ASN A 133 23.84 -37.04 -19.84
CA ASN A 133 24.42 -37.55 -21.08
C ASN A 133 25.69 -38.37 -20.83
N LEU A 134 26.56 -37.89 -19.93
CA LEU A 134 27.76 -38.66 -19.61
C LEU A 134 27.38 -40.07 -19.11
N ILE A 135 26.45 -40.13 -18.16
CA ILE A 135 26.04 -41.43 -17.60
C ILE A 135 25.43 -42.31 -18.69
N ASN A 136 24.59 -41.73 -19.55
CA ASN A 136 23.90 -42.52 -20.56
C ASN A 136 24.83 -43.00 -21.67
N GLN A 137 26.10 -42.60 -21.66
CA GLN A 137 27.05 -43.19 -22.57
C GLN A 137 27.43 -44.61 -22.14
N MET A 138 27.19 -44.96 -20.89
CA MET A 138 27.43 -46.33 -20.44
C MET A 138 26.36 -47.28 -21.00
N PRO A 139 26.74 -48.45 -21.50
CA PRO A 139 25.76 -49.40 -22.03
C PRO A 139 24.69 -49.74 -21.00
N ILE A 140 23.46 -49.94 -21.48
CA ILE A 140 22.33 -50.10 -20.57
C ILE A 140 22.51 -51.33 -19.69
N THR A 141 23.17 -52.38 -20.20
CA THR A 141 23.34 -53.59 -19.40
C THR A 141 24.22 -53.33 -18.18
N LEU A 142 25.08 -52.32 -18.22
CA LEU A 142 25.87 -51.92 -17.06
C LEU A 142 25.22 -50.83 -16.23
N ARG A 143 24.57 -49.88 -16.91
CA ARG A 143 23.91 -48.77 -16.23
C ARG A 143 22.91 -49.25 -15.19
N VAL A 144 22.16 -50.32 -15.51
CA VAL A 144 21.13 -50.78 -14.59
C VAL A 144 21.72 -51.40 -13.33
N LYS A 145 22.93 -51.95 -13.38
CA LYS A 145 23.45 -52.60 -12.19
C LYS A 145 24.62 -51.86 -11.55
N THR A 146 25.17 -50.84 -12.19
CA THR A 146 26.23 -50.04 -11.58
C THR A 146 25.65 -49.01 -10.63
N LEU A 147 26.28 -48.84 -9.47
CA LEU A 147 25.87 -47.83 -8.49
C LEU A 147 26.65 -46.55 -8.68
N LEU A 148 26.04 -45.44 -8.26
CA LEU A 148 26.72 -44.15 -8.34
C LEU A 148 28.03 -44.18 -7.54
N GLY A 149 28.04 -44.91 -6.42
CA GLY A 149 29.26 -45.02 -5.65
C GLY A 149 30.35 -45.77 -6.37
N ASP A 150 29.98 -46.68 -7.29
CA ASP A 150 30.98 -47.38 -8.09
C ASP A 150 31.75 -46.42 -8.99
N ILE A 151 31.10 -45.39 -9.53
CA ILE A 151 31.80 -44.47 -10.44
C ILE A 151 32.30 -43.23 -9.75
N THR A 152 32.14 -43.12 -8.43
CA THR A 152 32.71 -42.02 -7.67
C THR A 152 33.61 -42.60 -6.57
N ASP A 153 33.04 -42.91 -5.41
CA ASP A 153 33.82 -43.24 -4.22
C ASP A 153 34.73 -44.45 -4.45
N LYS A 154 34.21 -45.51 -5.08
CA LYS A 154 35.01 -46.72 -5.20
C LYS A 154 36.20 -46.53 -6.11
N GLN A 155 36.23 -45.45 -6.92
CA GLN A 155 37.43 -45.09 -7.65
C GLN A 155 38.40 -44.23 -6.84
N LEU A 156 37.97 -43.66 -5.70
CA LEU A 156 38.78 -42.70 -4.97
C LEU A 156 39.30 -43.22 -3.63
N GLU A 157 39.23 -44.53 -3.40
CA GLU A 157 39.68 -45.12 -2.15
C GLU A 157 41.00 -45.86 -2.25
N ASN A 158 41.41 -46.27 -3.44
CA ASN A 158 42.65 -47.00 -3.66
C ASN A 158 43.72 -46.04 -4.17
N ILE A 159 44.77 -46.59 -4.79
CA ILE A 159 45.90 -45.81 -5.26
C ILE A 159 46.04 -45.99 -6.76
N THR A 160 46.55 -44.95 -7.42
CA THR A 160 46.69 -44.95 -8.88
C THR A 160 47.73 -45.97 -9.36
N SER A 163 45.05 -42.41 -12.57
CA SER A 163 44.07 -42.96 -13.48
C SER A 163 43.21 -41.87 -14.11
N ALA A 164 42.84 -42.04 -15.38
CA ALA A 164 41.92 -41.10 -16.01
C ALA A 164 40.53 -41.19 -15.40
N ASP A 165 40.07 -42.42 -15.16
CA ASP A 165 38.80 -42.62 -14.47
C ASP A 165 38.83 -42.13 -13.04
N HIS A 166 40.01 -42.09 -12.43
CA HIS A 166 40.12 -41.48 -11.10
C HIS A 166 39.85 -39.98 -11.17
N GLU A 167 40.37 -39.30 -12.20
CA GLU A 167 40.20 -37.85 -12.29
C GLU A 167 38.77 -37.48 -12.64
N VAL A 168 38.15 -38.22 -13.56
CA VAL A 168 36.80 -37.85 -13.95
C VAL A 168 35.82 -38.21 -12.86
N ALA A 169 36.04 -39.33 -12.16
CA ALA A 169 35.18 -39.69 -11.03
C ALA A 169 35.31 -38.69 -9.91
N SER A 170 36.51 -38.16 -9.69
CA SER A 170 36.66 -37.14 -8.68
C SER A 170 35.94 -35.85 -9.09
N ALA A 171 36.06 -35.48 -10.38
CA ALA A 171 35.35 -34.30 -10.88
C ALA A 171 33.84 -34.47 -10.85
N LEU A 172 33.34 -35.67 -11.13
CA LEU A 172 31.91 -35.96 -10.98
C LEU A 172 31.46 -35.80 -9.52
N LYS A 173 32.22 -36.35 -8.57
CA LYS A 173 31.85 -36.15 -7.18
C LYS A 173 31.87 -34.66 -6.81
N ASP A 174 32.87 -33.93 -7.28
CA ASP A 174 32.96 -32.50 -6.97
C ASP A 174 31.81 -31.71 -7.57
N ILE A 175 31.42 -32.04 -8.81
CA ILE A 175 30.39 -31.18 -9.42
C ILE A 175 29.04 -31.45 -8.77
N LEU A 176 28.81 -32.67 -8.30
CA LEU A 176 27.58 -32.94 -7.56
C LEU A 176 27.58 -32.19 -6.23
N ASP A 177 28.69 -32.26 -5.49
CA ASP A 177 28.79 -31.50 -4.25
C ASP A 177 28.63 -30.00 -4.49
N ASP A 178 29.25 -29.46 -5.56
CA ASP A 178 29.12 -28.02 -5.82
C ASP A 178 27.70 -27.66 -6.17
N MET A 179 27.03 -28.49 -6.97
CA MET A 179 25.65 -28.17 -7.31
C MET A 179 24.75 -28.26 -6.10
N LYS A 180 24.96 -29.26 -5.24
CA LYS A 180 24.18 -29.32 -4.00
C LYS A 180 24.33 -28.03 -3.19
N GLY A 181 25.58 -27.59 -2.99
CA GLY A 181 25.81 -26.37 -2.23
C GLY A 181 25.25 -25.12 -2.92
N ASP A 182 25.30 -25.11 -4.25
CA ASP A 182 24.77 -23.98 -5.03
C ASP A 182 23.26 -23.86 -4.85
N ILE A 183 22.55 -24.99 -4.95
CA ILE A 183 21.11 -24.96 -4.77
C ILE A 183 20.75 -24.55 -3.35
N ASN A 184 21.53 -24.99 -2.35
CA ASN A 184 21.26 -24.53 -0.99
C ASN A 184 21.43 -23.02 -0.91
N ARG A 185 22.47 -22.50 -1.54
CA ARG A 185 22.68 -21.07 -1.53
C ARG A 185 21.53 -20.31 -2.16
N HIS A 186 21.02 -20.80 -3.30
CA HIS A 186 19.91 -20.08 -3.93
C HIS A 186 18.65 -20.16 -3.10
N GLN A 187 18.44 -21.28 -2.40
CA GLN A 187 17.32 -21.33 -1.45
C GLN A 187 17.45 -20.24 -0.38
N THR A 188 18.66 -20.09 0.17
CA THR A 188 18.92 -19.15 1.24
C THR A 188 18.71 -17.71 0.77
N THR A 189 19.29 -17.34 -0.38
CA THR A 189 19.13 -15.96 -0.87
C THR A 189 17.69 -15.68 -1.31
N THR A 190 17.04 -16.67 -1.91
CA THR A 190 15.65 -16.49 -2.33
C THR A 190 14.74 -16.33 -1.13
N GLU A 191 14.97 -17.10 -0.06
CA GLU A 191 14.21 -16.91 1.18
C GLU A 191 14.36 -15.47 1.70
N ASN A 192 15.58 -14.92 1.61
CA ASN A 192 15.77 -13.55 2.08
C ASN A 192 15.03 -12.55 1.21
N VAL A 193 15.07 -12.73 -0.11
CA VAL A 193 14.33 -11.81 -0.98
C VAL A 193 12.83 -11.89 -0.68
N ARG A 194 12.31 -13.10 -0.53
CA ARG A 194 10.90 -13.26 -0.23
C ARG A 194 10.55 -12.55 1.08
N LYS A 195 11.42 -12.66 2.09
CA LYS A 195 11.19 -12.02 3.37
C LYS A 195 11.14 -10.51 3.22
N LYS A 196 12.06 -9.93 2.42
CA LYS A 196 12.04 -8.49 2.19
C LYS A 196 10.74 -8.04 1.52
N VAL A 197 10.26 -8.81 0.54
CA VAL A 197 9.02 -8.44 -0.14
C VAL A 197 7.83 -8.57 0.81
N SER A 198 7.79 -9.66 1.58
CA SER A 198 6.70 -9.88 2.53
C SER A 198 6.64 -8.76 3.57
N ASP A 199 7.79 -8.43 4.16
CA ASP A 199 7.81 -7.36 5.16
C ASP A 199 7.37 -6.04 4.55
N TYR A 200 7.78 -5.76 3.30
CA TYR A 200 7.38 -4.51 2.64
C TYR A 200 5.86 -4.47 2.45
N ARG A 201 5.29 -5.63 2.14
CA ARG A 201 3.84 -5.76 1.97
C ARG A 201 3.11 -5.63 3.30
N ILE A 202 3.60 -6.31 4.34
CA ILE A 202 2.91 -6.27 5.64
C ILE A 202 2.95 -4.87 6.22
N THR A 203 4.01 -4.10 5.95
CA THR A 203 4.04 -2.72 6.41
C THR A 203 2.86 -1.92 5.85
N LEU A 204 2.45 -2.24 4.63
CA LEU A 204 1.33 -1.59 3.97
C LEU A 204 -0.01 -2.14 4.44
N THR A 205 -0.11 -3.46 4.61
CA THR A 205 -1.39 -4.09 4.94
C THR A 205 -1.68 -4.16 6.44
N GLY A 206 -0.64 -4.19 7.26
CA GLY A 206 -0.77 -4.49 8.69
C GLY A 206 -0.55 -5.95 9.00
N GLY A 207 0.01 -6.22 10.18
CA GLY A 207 0.27 -7.58 10.60
C GLY A 207 1.63 -7.70 11.26
N GLU A 208 2.11 -8.92 11.40
CA GLU A 208 3.37 -9.19 12.09
C GLU A 208 4.49 -9.33 11.06
N LEU A 209 5.56 -8.56 11.22
CA LEU A 209 6.72 -8.60 10.36
C LEU A 209 7.62 -9.77 10.75
N SER A 210 8.60 -10.04 9.89
CA SER A 210 9.54 -11.14 10.14
C SER A 210 10.36 -10.90 11.40
N SER A 211 10.52 -9.66 11.82
CA SER A 211 11.19 -9.32 13.08
C SER A 211 10.34 -9.65 14.30
N GLY A 212 9.08 -10.03 14.12
CA GLY A 212 8.17 -10.20 15.22
C GLY A 212 7.43 -8.93 15.63
N ASP A 213 7.83 -7.77 15.12
CA ASP A 213 7.09 -6.54 15.44
C ASP A 213 5.76 -6.57 14.73
N LYS A 214 4.70 -6.12 15.41
CA LYS A 214 3.40 -5.99 14.78
C LYS A 214 3.17 -4.53 14.40
N VAL A 215 2.69 -4.33 13.18
CA VAL A 215 2.48 -2.98 12.66
C VAL A 215 1.03 -2.85 12.24
N ASN A 216 0.50 -1.63 12.40
CA ASN A 216 -0.92 -1.41 12.18
C ASN A 216 -1.28 -1.48 10.71
N GLY A 217 -0.34 -1.18 9.82
CA GLY A 217 -0.64 -1.12 8.41
C GLY A 217 -0.87 0.31 7.94
N LEU A 218 -0.14 0.75 6.94
CA LEU A 218 -0.28 2.13 6.48
C LEU A 218 -1.62 2.34 5.80
N GLU A 219 -2.06 1.36 5.01
CA GLU A 219 -3.33 1.53 4.32
C GLU A 219 -4.50 1.52 5.29
N PRO A 220 -4.60 0.59 6.26
CA PRO A 220 -5.69 0.73 7.25
C PRO A 220 -5.61 2.03 8.04
N GLN A 221 -4.41 2.57 8.28
CA GLN A 221 -4.34 3.84 9.02
C GLN A 221 -4.89 5.00 8.19
N VAL A 222 -4.55 5.04 6.90
CA VAL A 222 -5.13 6.04 6.00
C VAL A 222 -6.64 5.90 6.01
N LYS A 223 -7.13 4.66 6.02
CA LYS A 223 -8.57 4.41 6.03
C LYS A 223 -9.22 4.90 7.32
N THR A 224 -8.58 4.68 8.47
CA THR A 224 -9.12 5.17 9.74
C THR A 224 -9.28 6.69 9.70
N LYS A 225 -8.26 7.39 9.25
CA LYS A 225 -8.37 8.85 9.26
C LYS A 225 -9.44 9.30 8.26
N TYR A 226 -9.47 8.68 7.09
CA TYR A 226 -10.52 8.97 6.12
C TYR A 226 -11.90 8.76 6.73
N ASP A 227 -12.06 7.68 7.50
CA ASP A 227 -13.35 7.42 8.14
C ASP A 227 -13.66 8.47 9.20
N LEU A 228 -12.64 8.94 9.93
CA LEU A 228 -12.87 10.00 10.91
C LEU A 228 -13.25 11.32 10.23
N MET A 229 -12.72 11.59 9.04
CA MET A 229 -13.11 12.81 8.34
C MET A 229 -14.58 12.75 7.96
N GLU A 230 -15.07 11.58 7.59
CA GLU A 230 -16.48 11.45 7.23
C GLU A 230 -17.39 11.45 8.47
N LYS A 231 -16.97 10.80 9.55
CA LYS A 231 -17.78 10.88 10.77
C LYS A 231 -17.83 12.30 11.32
N SER A 232 -16.97 13.19 10.83
CA SER A 232 -16.86 14.56 11.31
C SER A 232 -17.52 15.58 10.40
N ASN A 233 -18.15 15.14 9.30
CA ASN A 233 -18.60 16.06 8.27
C ASN A 233 -19.70 16.98 8.81
N MET A 234 -19.74 18.20 8.26
CA MET A 234 -20.64 19.24 8.76
C MET A 234 -21.78 19.56 7.79
N ARG A 235 -21.90 18.83 6.68
CA ARG A 235 -22.77 19.29 5.59
C ARG A 235 -24.23 19.37 6.02
N LYS A 236 -24.69 18.44 6.84
CA LYS A 236 -26.07 18.55 7.29
C LYS A 236 -26.21 19.68 8.30
N SER A 237 -25.29 19.76 9.27
CA SER A 237 -25.30 20.87 10.21
C SER A 237 -25.31 22.21 9.48
N ILE A 238 -24.44 22.37 8.47
CA ILE A 238 -24.37 23.63 7.73
C ILE A 238 -25.69 23.93 7.05
N LYS A 239 -26.31 22.93 6.42
CA LYS A 239 -27.57 23.16 5.72
C LYS A 239 -28.70 23.52 6.69
N GLU A 240 -28.72 22.91 7.88
CA GLU A 240 -29.75 23.29 8.84
C GLU A 240 -29.52 24.68 9.41
N LEU A 241 -28.27 25.15 9.43
CA LEU A 241 -28.01 26.51 9.88
C LEU A 241 -28.34 27.54 8.81
N ASP A 242 -27.95 27.27 7.55
CA ASP A 242 -28.38 28.12 6.44
C ASP A 242 -29.90 28.33 6.46
N GLU A 243 -30.63 27.22 6.59
CA GLU A 243 -32.08 27.24 6.68
C GLU A 243 -32.57 28.18 7.79
N LYS A 244 -31.88 28.24 8.92
CA LYS A 244 -32.36 29.05 10.02
C LYS A 244 -31.97 30.51 9.90
N ILE A 245 -30.90 30.80 9.16
CA ILE A 245 -30.58 32.18 8.83
C ILE A 245 -31.64 32.75 7.90
N LYS A 246 -31.99 32.00 6.85
CA LYS A 246 -33.00 32.47 5.90
C LYS A 246 -34.33 32.69 6.59
N GLU A 247 -34.68 31.81 7.55
CA GLU A 247 -36.01 31.89 8.16
C GLU A 247 -36.08 33.07 9.12
N LYS A 248 -35.04 33.27 9.91
CA LYS A 248 -35.03 34.43 10.80
C LYS A 248 -34.75 35.71 10.03
N ARG A 249 -34.04 35.63 8.90
CA ARG A 249 -33.88 36.82 8.06
C ARG A 249 -35.17 37.19 7.32
N GLN A 250 -36.13 36.28 7.26
CA GLN A 250 -37.45 36.65 6.76
C GLN A 250 -38.36 37.17 7.86
N ARG A 251 -38.21 36.66 9.09
CA ARG A 251 -39.02 37.16 10.20
C ARG A 251 -38.54 38.54 10.66
N ILE A 252 -37.23 38.82 10.58
CA ILE A 252 -36.78 40.18 10.84
C ILE A 252 -37.47 41.15 9.90
N GLU A 253 -37.61 40.78 8.63
CA GLU A 253 -38.30 41.64 7.69
C GLU A 253 -39.81 41.61 7.86
N GLN A 254 -40.38 40.56 8.48
CA GLN A 254 -41.83 40.47 8.60
C GLN A 254 -42.40 41.56 9.50
N LEU A 255 -41.73 41.84 10.63
CA LEU A 255 -42.21 42.85 11.57
C LEU A 255 -41.31 44.09 11.69
N LYS A 256 -40.36 44.27 10.77
CA LYS A 256 -40.02 45.62 10.35
C LYS A 256 -41.22 46.28 9.67
N LYS A 257 -41.97 45.49 8.90
CA LYS A 257 -43.22 45.98 8.32
C LYS A 257 -44.32 46.10 9.37
N ASP A 258 -44.30 45.23 10.40
CA ASP A 258 -45.31 45.33 11.45
C ASP A 258 -44.93 46.37 12.51
N TYR A 259 -43.65 46.70 12.65
CA TYR A 259 -43.28 47.90 13.38
C TYR A 259 -43.84 49.13 12.67
N ASP A 260 -43.63 49.24 11.36
CA ASP A 260 -44.20 50.34 10.59
C ASP A 260 -45.72 50.35 10.66
N LYS A 261 -46.35 49.18 10.79
CA LYS A 261 -47.80 49.10 10.92
C LYS A 261 -48.25 49.58 12.30
N PHE A 262 -47.67 49.02 13.36
CA PHE A 262 -48.11 49.37 14.71
C PHE A 262 -47.87 50.85 15.02
N VAL A 263 -46.78 51.44 14.51
CA VAL A 263 -46.54 52.85 14.75
C VAL A 263 -47.54 53.70 13.97
N GLY A 264 -47.94 53.26 12.78
CA GLY A 264 -49.06 53.91 12.11
C GLY A 264 -50.35 53.76 12.89
N LEU A 265 -50.61 52.54 13.37
CA LEU A 265 -51.79 52.27 14.19
C LEU A 265 -51.84 53.15 15.44
N SER A 266 -50.68 53.46 16.02
CA SER A 266 -50.63 54.24 17.25
C SER A 266 -51.22 55.63 17.06
N PHE A 267 -51.22 56.14 15.83
CA PHE A 267 -51.72 57.49 15.57
C PHE A 267 -53.22 57.55 15.36
N THR A 268 -53.91 56.41 15.26
CA THR A 268 -55.33 56.42 14.92
C THR A 268 -56.21 56.78 16.10
N GLY A 269 -55.70 57.57 17.03
CA GLY A 269 -56.53 58.17 18.05
C GLY A 269 -56.81 59.60 17.67
N ALA A 270 -56.06 60.11 16.69
CA ALA A 270 -56.22 61.49 16.24
C ALA A 270 -57.61 61.74 15.72
N ILE A 271 -58.30 60.67 15.30
CA ILE A 271 -59.73 60.75 14.98
C ILE A 271 -60.48 61.42 16.11
N GLY A 272 -60.38 60.84 17.31
CA GLY A 272 -60.98 61.47 18.48
C GLY A 272 -60.25 62.73 18.90
N GLY A 273 -58.92 62.69 18.87
CA GLY A 273 -58.15 63.88 19.19
C GLY A 273 -57.04 63.67 20.20
N ILE A 274 -57.35 63.81 21.48
CA ILE A 274 -56.35 63.92 22.54
C ILE A 274 -56.22 62.62 23.35
N ILE A 275 -57.31 62.14 23.92
CA ILE A 275 -57.22 60.95 24.77
C ILE A 275 -57.50 59.67 24.00
N ALA A 276 -58.12 59.75 22.82
CA ALA A 276 -58.08 58.60 21.92
C ALA A 276 -56.67 58.36 21.41
N MET A 277 -55.86 59.42 21.27
CA MET A 277 -54.47 59.21 20.88
C MET A 277 -53.64 58.66 22.04
N ALA A 278 -54.04 58.94 23.28
CA ALA A 278 -53.34 58.36 24.42
C ALA A 278 -53.53 56.86 24.46
N ILE A 279 -54.73 56.39 24.14
CA ILE A 279 -55.00 54.95 24.23
C ILE A 279 -54.49 54.22 23.00
N THR A 280 -54.57 54.83 21.81
CA THR A 280 -53.95 54.20 20.64
C THR A 280 -52.44 54.25 20.75
N GLY A 281 -51.90 55.34 21.29
CA GLY A 281 -50.45 55.43 21.45
C GLY A 281 -49.92 54.38 22.42
N GLY A 282 -50.61 54.20 23.54
CA GLY A 282 -50.14 53.23 24.53
C GLY A 282 -50.22 51.80 24.03
N ILE A 283 -51.37 51.41 23.47
CA ILE A 283 -51.56 50.03 23.05
C ILE A 283 -50.63 49.69 21.88
N PHE A 284 -50.72 50.46 20.79
CA PHE A 284 -49.98 50.13 19.58
C PHE A 284 -48.53 50.57 19.65
N GLY A 285 -48.23 51.63 20.40
CA GLY A 285 -46.82 51.93 20.68
C GLY A 285 -46.12 50.79 21.40
N ALA A 286 -46.86 50.07 22.25
CA ALA A 286 -46.28 48.93 22.95
C ALA A 286 -46.10 47.74 22.01
N LYS A 287 -47.11 47.45 21.19
CA LYS A 287 -46.97 46.37 20.22
C LYS A 287 -45.88 46.69 19.21
N ALA A 288 -45.63 47.97 18.94
CA ALA A 288 -44.57 48.34 18.02
C ALA A 288 -43.19 48.13 18.63
N GLU A 289 -43.07 48.23 19.95
CA GLU A 289 -41.76 48.00 20.57
C GLU A 289 -41.52 46.52 20.82
N ASN A 290 -42.56 45.77 21.18
CA ASN A 290 -42.46 44.31 21.21
C ASN A 290 -41.95 43.77 19.88
N ALA A 291 -42.39 44.37 18.77
CA ALA A 291 -41.87 43.98 17.46
C ALA A 291 -40.43 44.43 17.28
N ARG A 292 -40.07 45.60 17.80
CA ARG A 292 -38.71 46.09 17.64
C ARG A 292 -37.74 45.32 18.55
N LYS A 293 -38.15 45.07 19.79
CA LYS A 293 -37.33 44.31 20.73
C LYS A 293 -37.06 42.90 20.21
N GLU A 294 -38.13 42.19 19.82
CA GLU A 294 -37.98 40.86 19.23
C GLU A 294 -37.09 40.90 18.01
N LYS A 295 -37.20 41.97 17.20
CA LYS A 295 -36.33 42.16 16.04
C LYS A 295 -34.86 42.23 16.45
N ASN A 296 -34.55 43.02 17.48
CA ASN A 296 -33.16 43.20 17.86
C ASN A 296 -32.56 41.99 18.57
N ALA A 297 -33.39 41.10 19.10
CA ALA A 297 -32.87 39.82 19.57
C ALA A 297 -32.46 38.93 18.40
N LEU A 298 -33.14 39.06 17.27
CA LEU A 298 -32.88 38.20 16.12
C LEU A 298 -31.76 38.71 15.24
N ILE A 299 -31.56 40.04 15.18
CA ILE A 299 -30.40 40.57 14.47
C ILE A 299 -29.11 40.16 15.17
N SER A 300 -29.14 40.08 16.50
CA SER A 300 -27.99 39.55 17.23
C SER A 300 -27.88 38.04 17.06
N GLU A 301 -29.02 37.35 17.03
CA GLU A 301 -29.02 35.91 16.82
C GLU A 301 -28.41 35.56 15.46
N VAL A 302 -28.78 36.31 14.42
CA VAL A 302 -28.34 35.97 13.06
C VAL A 302 -26.83 36.21 12.92
N ALA A 303 -26.33 37.32 13.46
CA ALA A 303 -24.90 37.59 13.36
C ALA A 303 -24.08 36.49 14.02
N GLU A 304 -24.58 35.91 15.11
CA GLU A 304 -23.93 34.78 15.74
C GLU A 304 -23.98 33.55 14.83
N LEU A 305 -25.19 33.21 14.36
CA LEU A 305 -25.37 32.00 13.58
C LEU A 305 -24.59 32.05 12.27
N GLU A 306 -24.45 33.24 11.68
CA GLU A 306 -23.64 33.34 10.48
C GLU A 306 -22.14 33.22 10.78
N SER A 307 -21.72 33.66 11.97
CA SER A 307 -20.34 33.39 12.39
C SER A 307 -20.12 31.90 12.62
N LYS A 308 -21.09 31.23 13.24
CA LYS A 308 -21.00 29.80 13.47
C LYS A 308 -20.94 29.01 12.16
N VAL A 309 -21.91 29.25 11.28
CA VAL A 309 -21.96 28.50 10.03
C VAL A 309 -20.73 28.79 9.18
N SER A 310 -20.19 30.01 9.26
CA SER A 310 -18.96 30.31 8.54
C SER A 310 -17.80 29.46 9.04
N SER A 311 -17.73 29.23 10.36
CA SER A 311 -16.68 28.37 10.91
C SER A 311 -16.93 26.91 10.57
N GLN A 312 -18.20 26.50 10.52
CA GLN A 312 -18.52 25.12 10.16
C GLN A 312 -18.21 24.87 8.69
N ARG A 313 -18.45 25.86 7.83
CA ARG A 313 -18.02 25.77 6.45
C ARG A 313 -16.51 25.70 6.34
N ALA A 314 -15.80 26.48 7.16
CA ALA A 314 -14.34 26.43 7.16
C ALA A 314 -13.84 25.03 7.50
N LEU A 315 -14.42 24.41 8.53
CA LEU A 315 -14.05 23.05 8.88
C LEU A 315 -14.35 22.09 7.75
N GLN A 316 -15.50 22.24 7.11
CA GLN A 316 -15.86 21.34 6.02
C GLN A 316 -14.89 21.44 4.85
N THR A 317 -14.54 22.66 4.46
CA THR A 317 -13.59 22.86 3.37
C THR A 317 -12.26 22.16 3.65
N ALA A 318 -11.76 22.27 4.88
CA ALA A 318 -10.51 21.59 5.23
C ALA A 318 -10.70 20.08 5.21
N LEU A 319 -11.82 19.59 5.75
CA LEU A 319 -12.10 18.16 5.73
C LEU A 319 -12.14 17.64 4.30
N GLU A 320 -12.84 18.35 3.40
CA GLU A 320 -12.97 17.88 2.03
C GLU A 320 -11.62 17.86 1.32
N ALA A 321 -10.79 18.88 1.56
CA ALA A 321 -9.45 18.91 0.98
C ALA A 321 -8.60 17.73 1.49
N LEU A 322 -8.56 17.54 2.80
CA LEU A 322 -7.79 16.45 3.39
C LEU A 322 -8.32 15.09 2.93
N SER A 323 -9.64 14.96 2.81
CA SER A 323 -10.23 13.71 2.32
C SER A 323 -9.72 13.36 0.93
N LEU A 324 -9.67 14.36 0.05
CA LEU A 324 -9.20 14.12 -1.32
C LEU A 324 -7.75 13.68 -1.33
N SER A 325 -6.91 14.29 -0.51
CA SER A 325 -5.52 13.88 -0.44
C SER A 325 -5.42 12.44 0.08
N PHE A 326 -6.20 12.11 1.10
CA PHE A 326 -6.11 10.77 1.66
C PHE A 326 -6.69 9.74 0.71
N SER A 327 -7.67 10.14 -0.10
CA SER A 327 -8.16 9.25 -1.16
C SER A 327 -7.06 8.96 -2.17
N ASP A 328 -6.32 9.99 -2.60
CA ASP A 328 -5.23 9.78 -3.54
CA ASP A 328 -5.24 9.76 -3.55
C ASP A 328 -4.17 8.86 -2.96
N ILE A 329 -3.73 9.14 -1.73
CA ILE A 329 -2.75 8.27 -1.05
C ILE A 329 -3.27 6.84 -0.97
N GLY A 330 -4.51 6.68 -0.53
CA GLY A 330 -5.07 5.36 -0.36
C GLY A 330 -5.18 4.58 -1.65
N ILE A 331 -5.56 5.25 -2.74
CA ILE A 331 -5.63 4.53 -4.01
C ILE A 331 -4.24 4.06 -4.43
N ARG A 332 -3.22 4.91 -4.29
CA ARG A 332 -1.85 4.50 -4.59
C ARG A 332 -1.42 3.33 -3.72
N MET A 333 -1.87 3.31 -2.46
CA MET A 333 -1.50 2.21 -1.56
C MET A 333 -2.16 0.91 -1.96
N VAL A 334 -3.44 0.96 -2.32
CA VAL A 334 -4.15 -0.28 -2.65
C VAL A 334 -3.60 -0.87 -3.94
N ASP A 335 -3.26 -0.01 -4.92
CA ASP A 335 -2.59 -0.53 -6.11
C ASP A 335 -1.21 -1.13 -5.79
N ALA A 336 -0.45 -0.48 -4.93
CA ALA A 336 0.84 -1.02 -4.51
C ALA A 336 0.67 -2.32 -3.74
N GLU A 337 -0.34 -2.39 -2.88
CA GLU A 337 -0.60 -3.61 -2.11
C GLU A 337 -0.85 -4.78 -3.05
N SER A 338 -1.71 -4.57 -4.05
CA SER A 338 -1.99 -5.63 -5.02
C SER A 338 -0.74 -6.03 -5.77
N ALA A 339 0.10 -5.06 -6.13
CA ALA A 339 1.36 -5.39 -6.79
C ALA A 339 2.22 -6.28 -5.89
N LEU A 340 2.27 -5.96 -4.59
CA LEU A 340 3.09 -6.76 -3.67
C LEU A 340 2.46 -8.12 -3.37
N ASN A 341 1.13 -8.24 -3.35
CA ASN A 341 0.50 -9.56 -3.31
C ASN A 341 1.05 -10.46 -4.41
N HIS A 342 1.09 -9.95 -5.65
CA HIS A 342 1.63 -10.70 -6.77
C HIS A 342 3.10 -11.05 -6.55
N LEU A 343 3.89 -10.04 -6.18
CA LEU A 343 5.33 -10.24 -6.02
C LEU A 343 5.63 -11.25 -4.91
N ASP A 344 4.90 -11.14 -3.80
CA ASP A 344 5.11 -12.05 -2.68
C ASP A 344 4.78 -13.48 -3.08
N PHE A 345 3.63 -13.66 -3.75
CA PHE A 345 3.22 -14.99 -4.19
C PHE A 345 4.23 -15.57 -5.17
N MET A 346 4.73 -14.75 -6.08
CA MET A 346 5.75 -15.21 -7.02
C MET A 346 6.99 -15.70 -6.27
N TRP A 347 7.46 -14.95 -5.29
CA TRP A 347 8.69 -15.36 -4.61
C TRP A 347 8.45 -16.57 -3.70
N LEU A 348 7.26 -16.71 -3.11
CA LEU A 348 6.94 -17.96 -2.41
C LEU A 348 6.92 -19.13 -3.37
N SER A 349 6.37 -18.95 -4.57
CA SER A 349 6.31 -20.06 -5.52
C SER A 349 7.69 -20.45 -6.01
N VAL A 350 8.53 -19.46 -6.31
CA VAL A 350 9.90 -19.75 -6.78
C VAL A 350 10.68 -20.47 -5.70
N LEU A 351 10.55 -19.98 -4.46
CA LEU A 351 11.23 -20.62 -3.34
C LEU A 351 10.79 -22.06 -3.19
N ASN A 352 9.49 -22.31 -3.36
CA ASN A 352 8.97 -23.68 -3.29
C ASN A 352 9.61 -24.58 -4.35
N GLN A 353 9.81 -24.07 -5.57
CA GLN A 353 10.48 -24.87 -6.60
C GLN A 353 11.92 -25.18 -6.23
N ILE A 354 12.65 -24.18 -5.74
CA ILE A 354 14.04 -24.41 -5.32
C ILE A 354 14.08 -25.46 -4.21
N THR A 355 13.17 -25.36 -3.24
CA THR A 355 13.10 -26.33 -2.17
C THR A 355 12.78 -27.70 -2.71
N GLU A 356 11.87 -27.79 -3.67
CA GLU A 356 11.63 -29.09 -4.31
C GLU A 356 12.90 -29.65 -4.92
N SER A 357 13.69 -28.80 -5.58
CA SER A 357 14.94 -29.28 -6.19
C SER A 357 15.91 -29.75 -5.11
N GLN A 358 16.03 -28.97 -4.05
CA GLN A 358 16.91 -29.30 -2.93
C GLN A 358 16.54 -30.62 -2.29
N ILE A 359 15.24 -30.87 -2.08
CA ILE A 359 14.81 -32.13 -1.48
C ILE A 359 15.15 -33.31 -2.40
N GLN A 360 14.93 -33.15 -3.71
CA GLN A 360 15.35 -34.21 -4.65
C GLN A 360 16.85 -34.43 -4.61
N PHE A 361 17.62 -33.36 -4.52
CA PHE A 361 19.08 -33.55 -4.56
C PHE A 361 19.56 -34.32 -3.34
N ALA A 362 18.89 -34.12 -2.21
CA ALA A 362 19.25 -34.85 -1.00
C ALA A 362 19.02 -36.36 -1.14
N MET A 363 18.17 -36.79 -2.08
CA MET A 363 17.98 -38.23 -2.31
C MET A 363 19.06 -38.87 -3.17
N ILE A 364 19.99 -38.11 -3.72
CA ILE A 364 21.09 -38.70 -4.47
C ILE A 364 22.09 -39.26 -3.46
N ASN A 365 22.44 -40.54 -3.61
CA ASN A 365 23.44 -41.13 -2.72
C ASN A 365 24.17 -42.25 -3.46
N ASN A 366 25.20 -42.81 -2.79
CA ASN A 366 26.09 -43.76 -3.45
C ASN A 366 25.38 -45.02 -3.92
N ALA A 367 24.21 -45.35 -3.34
CA ALA A 367 23.63 -46.66 -3.61
C ALA A 367 22.56 -46.60 -4.69
N LEU A 368 22.37 -45.46 -5.34
CA LEU A 368 21.46 -45.43 -6.48
C LEU A 368 22.08 -46.16 -7.67
N ARG A 369 21.32 -47.07 -8.29
CA ARG A 369 21.75 -47.53 -9.61
C ARG A 369 21.84 -46.35 -10.57
N LEU A 370 22.69 -46.48 -11.61
CA LEU A 370 22.90 -45.27 -12.44
C LEU A 370 21.65 -44.89 -13.21
N THR A 371 20.80 -45.86 -13.56
CA THR A 371 19.54 -45.51 -14.19
C THR A 371 18.62 -44.76 -13.23
N SER A 372 18.61 -45.18 -11.96
CA SER A 372 17.85 -44.41 -10.97
C SER A 372 18.45 -43.03 -10.75
N PHE A 373 19.78 -42.93 -10.77
CA PHE A 373 20.43 -41.63 -10.57
C PHE A 373 20.02 -40.62 -11.64
N VAL A 374 20.01 -41.05 -12.90
CA VAL A 374 19.61 -40.19 -14.01
C VAL A 374 18.16 -39.73 -13.85
N ASN A 375 17.28 -40.62 -13.40
N ASN A 375 17.27 -40.64 -13.42
CA ASN A 375 15.89 -40.22 -13.16
CA ASN A 375 15.89 -40.24 -13.14
C ASN A 375 15.81 -39.21 -12.02
C ASN A 375 15.84 -39.20 -12.03
N LYS A 376 16.59 -39.43 -10.95
CA LYS A 376 16.55 -38.49 -9.83
C LYS A 376 17.17 -37.16 -10.21
N PHE A 377 18.23 -37.18 -11.00
CA PHE A 377 18.85 -35.93 -11.43
C PHE A 377 17.92 -35.14 -12.33
N GLN A 378 17.10 -35.84 -13.13
CA GLN A 378 16.06 -35.13 -13.88
C GLN A 378 15.07 -34.45 -12.96
N GLN A 379 14.74 -35.10 -11.84
CA GLN A 379 13.82 -34.50 -10.88
C GLN A 379 14.48 -33.32 -10.16
N VAL A 380 15.81 -33.29 -10.09
CA VAL A 380 16.50 -32.15 -9.50
C VAL A 380 16.40 -30.92 -10.41
N ILE A 381 16.55 -31.12 -11.72
CA ILE A 381 16.68 -29.97 -12.61
C ILE A 381 15.33 -29.49 -13.16
N THR A 382 14.31 -30.35 -13.19
CA THR A 382 13.00 -29.92 -13.69
C THR A 382 12.43 -28.68 -12.98
N PRO A 383 12.46 -28.57 -11.66
CA PRO A 383 11.93 -27.35 -11.04
C PRO A 383 12.66 -26.09 -11.51
N TRP A 384 13.91 -26.23 -11.96
CA TRP A 384 14.69 -25.06 -12.37
C TRP A 384 14.24 -24.51 -13.72
N GLN A 385 13.48 -25.28 -14.51
CA GLN A 385 12.89 -24.68 -15.70
C GLN A 385 11.86 -23.63 -15.31
N SER A 386 11.01 -23.98 -14.35
CA SER A 386 10.05 -23.04 -13.81
C SER A 386 10.74 -21.84 -13.16
N VAL A 387 11.79 -22.09 -12.36
CA VAL A 387 12.47 -20.97 -11.68
C VAL A 387 13.05 -20.00 -12.71
N GLY A 388 13.75 -20.53 -13.71
CA GLY A 388 14.34 -19.68 -14.73
C GLY A 388 13.31 -18.94 -15.56
N ASP A 389 12.21 -19.60 -15.90
CA ASP A 389 11.16 -18.94 -16.69
C ASP A 389 10.56 -17.79 -15.91
N SER A 390 10.26 -18.01 -14.62
CA SER A 390 9.69 -16.94 -13.79
C SER A 390 10.67 -15.80 -13.59
N ALA A 391 11.94 -16.11 -13.38
CA ALA A 391 12.95 -15.07 -13.18
C ALA A 391 13.14 -14.22 -14.43
N ARG A 392 13.24 -14.88 -15.59
CA ARG A 392 13.38 -14.15 -16.85
C ARG A 392 12.13 -13.32 -17.16
N GLN A 393 10.96 -13.84 -16.79
CA GLN A 393 9.72 -13.07 -16.96
C GLN A 393 9.76 -11.80 -16.15
N LEU A 394 10.26 -11.88 -14.92
CA LEU A 394 10.29 -10.70 -14.06
C LEU A 394 11.31 -9.69 -14.55
N VAL A 395 12.46 -10.15 -15.03
CA VAL A 395 13.42 -9.21 -15.62
C VAL A 395 12.76 -8.48 -16.78
N ASP A 396 12.02 -9.22 -17.61
CA ASP A 396 11.43 -8.59 -18.78
C ASP A 396 10.34 -7.60 -18.40
N ILE A 397 9.62 -7.85 -17.30
CA ILE A 397 8.62 -6.89 -16.83
C ILE A 397 9.30 -5.61 -16.38
N PHE A 398 10.47 -5.71 -15.72
CA PHE A 398 11.21 -4.51 -15.35
C PHE A 398 11.59 -3.72 -16.59
N ASP A 399 12.11 -4.42 -17.61
CA ASP A 399 12.44 -3.80 -18.89
C ASP A 399 11.25 -3.08 -19.50
N GLU A 400 10.08 -3.74 -19.52
CA GLU A 400 8.92 -3.11 -20.14
C GLU A 400 8.40 -1.94 -19.30
N ALA A 401 8.47 -2.03 -17.97
CA ALA A 401 8.07 -0.91 -17.12
C ALA A 401 8.96 0.32 -17.36
N ILE A 402 10.26 0.10 -17.53
CA ILE A 402 11.19 1.20 -17.81
C ILE A 402 10.87 1.84 -19.15
N LYS A 403 10.50 1.04 -20.14
CA LYS A 403 10.23 1.59 -21.47
C LYS A 403 8.92 2.35 -21.51
N GLU A 404 8.04 2.18 -20.52
CA GLU A 404 6.71 2.75 -20.63
C GLU A 404 6.75 4.27 -20.66
N TYR A 405 7.71 4.88 -19.94
CA TYR A 405 7.79 6.32 -19.92
C TYR A 405 7.90 6.90 -21.33
N LYS A 406 8.80 6.33 -22.14
CA LYS A 406 9.00 6.84 -23.50
C LYS A 406 7.76 6.63 -24.37
N LYS A 407 7.10 5.47 -24.23
CA LYS A 407 5.91 5.20 -25.03
C LYS A 407 4.74 6.12 -24.70
N VAL A 408 4.71 6.69 -23.49
CA VAL A 408 3.65 7.63 -23.13
C VAL A 408 3.99 9.07 -23.54
N TYR A 409 5.26 9.44 -23.53
CA TYR A 409 5.65 10.82 -23.78
C TYR A 409 6.45 10.97 -25.09
C1 MPD B . 29.94 -31.87 -16.69
C2 MPD B . 30.75 -32.89 -17.51
O2 MPD B . 29.87 -33.63 -18.39
CM MPD B . 31.76 -32.16 -18.38
C3 MPD B . 31.42 -33.92 -16.61
C4 MPD B . 31.87 -33.36 -15.28
O4 MPD B . 31.99 -34.41 -14.34
C5 MPD B . 33.23 -32.71 -15.44
C1 MPD C . 28.58 -38.86 -5.43
C2 MPD C . 27.81 -38.51 -4.16
O2 MPD C . 28.77 -38.34 -3.07
CM MPD C . 26.84 -39.64 -3.82
C3 MPD C . 27.05 -37.21 -4.38
C4 MPD C . 26.96 -36.32 -3.14
O4 MPD C . 26.48 -35.06 -3.56
C5 MPD C . 26.01 -36.85 -2.07
C1 MPD D . 32.56 -41.13 -14.87
C2 MPD D . 33.03 -42.27 -15.76
O2 MPD D . 33.90 -43.14 -14.98
CM MPD D . 33.85 -41.72 -16.93
C3 MPD D . 31.86 -43.12 -16.25
C4 MPD D . 30.83 -42.35 -17.07
O4 MPD D . 31.16 -42.38 -18.44
C5 MPD D . 29.45 -42.98 -16.90
C1 MPD E . -0.20 -13.24 -1.33
C2 MPD E . -0.99 -13.26 -0.02
O2 MPD E . -0.53 -12.14 0.77
CM MPD E . -2.49 -13.11 -0.27
C3 MPD E . -0.69 -14.54 0.74
C4 MPD E . 0.76 -14.60 1.22
O4 MPD E . 1.25 -13.30 1.45
C5 MPD E . 0.89 -15.42 2.50
C1 MPD F . 8.72 4.01 -13.67
C2 MPD F . 8.06 5.25 -14.25
O2 MPD F . 7.20 4.87 -15.34
CM MPD F . 7.21 5.95 -13.20
C3 MPD F . 9.14 6.15 -14.86
C4 MPD F . 9.85 7.08 -13.88
O4 MPD F . 10.74 6.38 -13.05
C5 MPD F . 10.62 8.14 -14.67
C1 MPD G . 28.47 -24.66 -8.56
C2 MPD G . 28.70 -24.84 -10.07
O2 MPD G . 28.65 -23.54 -10.71
CM MPD G . 30.07 -25.45 -10.30
C3 MPD G . 27.62 -25.74 -10.67
C4 MPD G . 26.27 -25.05 -10.89
O4 MPD G . 25.76 -25.36 -12.17
C5 MPD G . 25.26 -25.53 -9.86
C1 MPD H . 23.59 -16.18 -7.65
C2 MPD H . 24.56 -16.48 -8.79
O2 MPD H . 25.53 -17.43 -8.29
CM MPD H . 23.80 -17.11 -9.95
C3 MPD H . 25.25 -15.21 -9.26
C4 MPD H . 25.93 -14.45 -8.12
O4 MPD H . 27.10 -15.12 -7.71
C5 MPD H . 26.30 -13.04 -8.55
C1 MPD I . -9.04 6.05 1.54
C2 MPD I . -9.62 4.88 0.76
O2 MPD I . -8.68 4.50 -0.29
CM MPD I . -9.80 3.68 1.67
C3 MPD I . -10.95 5.25 0.13
C4 MPD I . -10.75 6.07 -1.14
O4 MPD I . -10.15 5.26 -2.13
C5 MPD I . -12.07 6.62 -1.66
C1 MPD J . 1.99 6.31 -15.96
C2 MPD J . 3.29 6.88 -16.49
O2 MPD J . 4.02 5.81 -17.14
CM MPD J . 3.01 7.91 -17.59
C3 MPD J . 4.18 7.37 -15.34
C4 MPD J . 4.22 8.85 -14.92
O4 MPD J . 4.78 9.68 -15.92
C5 MPD J . 2.87 9.42 -14.45
#